data_2UYO
#
_entry.id   2UYO
#
_cell.length_a   75.725
_cell.length_b   75.725
_cell.length_c   105.811
_cell.angle_alpha   90.00
_cell.angle_beta   90.00
_cell.angle_gamma   120.00
#
_symmetry.space_group_name_H-M   'P 65'
#
loop_
_entity.id
_entity.type
_entity.pdbx_description
1 polymer 'HYPOTHETICAL PROTEIN ML2640'
2 water water
#
_entity_poly.entity_id   1
_entity_poly.type   'polypeptide(L)'
_entity_poly.pdbx_seq_one_letter_code
;MRTHDDTWDIKTSVGTTAVMVAAARAAETDRPDALIRDPYAKLLVTNTGAGALWEAMLDPSMVAKVEAIDAEAAAMVEHM
RSYQAVRTNFFDTYFNNAVIDGIRQFVILASGLDSRAYRLDWPTGTTVYEIDQPKVLAYKSTTLAEHGVTPTADRREVPI
DLRQDWPPALRSAGFDPSARTAWLAEGLLMYLPATAQDGLFTEIGGLSAVGSRIAVETSPLHGDEWREQMQLRFRRVSDA
LGFEQAVDVQELIYHDENRAVVADWLNRHGWRATAQSAPDEMRRVGRWGDGVPMADDKDAFAEFVTAHRL
;
_entity_poly.pdbx_strand_id   A
#
# COMPACT_ATOMS: atom_id res chain seq x y z
N VAL A 14 -15.09 -4.00 3.77
CA VAL A 14 -13.61 -3.86 3.91
C VAL A 14 -12.97 -5.24 4.10
N GLY A 15 -12.04 -5.60 3.22
CA GLY A 15 -11.34 -6.86 3.32
C GLY A 15 -10.53 -7.03 4.59
N THR A 16 -10.18 -8.28 4.85
CA THR A 16 -9.46 -8.69 6.03
C THR A 16 -8.06 -8.09 6.02
N THR A 17 -7.44 -8.07 4.84
CA THR A 17 -6.08 -7.54 4.69
C THR A 17 -6.02 -6.05 4.99
N ALA A 18 -6.96 -5.27 4.47
CA ALA A 18 -7.00 -3.82 4.70
C ALA A 18 -7.13 -3.52 6.20
N VAL A 19 -7.95 -4.31 6.89
CA VAL A 19 -8.09 -4.16 8.35
C VAL A 19 -6.77 -4.47 9.10
N MET A 20 -6.16 -5.60 8.76
CA MET A 20 -4.94 -6.05 9.41
C MET A 20 -3.85 -5.00 9.27
N VAL A 21 -3.63 -4.49 8.07
CA VAL A 21 -2.54 -3.51 7.88
C VAL A 21 -2.85 -2.17 8.56
N ALA A 22 -4.11 -1.77 8.56
CA ALA A 22 -4.48 -0.57 9.36
C ALA A 22 -4.24 -0.80 10.87
N ALA A 23 -4.58 -1.99 11.37
CA ALA A 23 -4.35 -2.34 12.77
C ALA A 23 -2.83 -2.21 13.12
N ALA A 24 -2.00 -2.66 12.17
CA ALA A 24 -0.53 -2.58 12.32
C ALA A 24 -0.10 -1.14 12.42
N ARG A 25 -0.67 -0.30 11.56
CA ARG A 25 -0.35 1.15 11.59
C ARG A 25 -0.79 1.74 12.92
N ALA A 26 -1.97 1.34 13.40
CA ALA A 26 -2.45 1.85 14.70
C ALA A 26 -1.53 1.42 15.84
N ALA A 27 -1.02 0.17 15.78
CA ALA A 27 -0.14 -0.35 16.78
C ALA A 27 1.19 0.42 16.79
N GLU A 28 1.68 0.75 15.60
CA GLU A 28 2.93 1.50 15.49
C GLU A 28 2.71 2.89 16.11
N THR A 29 1.62 3.52 15.68
CA THR A 29 1.28 4.88 16.08
C THR A 29 1.18 5.04 17.61
N ASP A 30 0.74 3.97 18.31
CA ASP A 30 0.60 3.99 19.77
C ASP A 30 1.92 4.02 20.54
N ARG A 31 3.01 3.70 19.87
CA ARG A 31 4.32 3.58 20.55
C ARG A 31 5.03 4.94 20.64
N PRO A 32 5.79 5.20 21.71
CA PRO A 32 6.60 6.44 21.76
C PRO A 32 7.65 6.54 20.67
N ASP A 33 8.14 5.38 20.22
CA ASP A 33 9.19 5.34 19.24
C ASP A 33 8.64 5.11 17.82
N ALA A 34 7.37 5.49 17.59
CA ALA A 34 6.67 5.31 16.31
C ALA A 34 7.52 5.82 15.15
N LEU A 35 7.67 5.01 14.11
CA LEU A 35 8.32 5.43 12.85
C LEU A 35 7.37 6.30 11.99
N ILE A 36 6.08 5.97 12.05
CA ILE A 36 5.02 6.72 11.35
C ILE A 36 3.89 6.92 12.34
N ARG A 37 3.05 7.93 12.06
CA ARG A 37 1.89 8.22 12.90
C ARG A 37 0.66 8.40 12.02
N ASP A 38 -0.28 7.47 12.18
CA ASP A 38 -1.55 7.49 11.41
C ASP A 38 -2.63 7.72 12.47
N PRO A 39 -3.07 8.99 12.67
CA PRO A 39 -4.05 9.27 13.72
C PRO A 39 -5.42 8.66 13.43
N TYR A 40 -5.63 8.16 12.19
CA TYR A 40 -6.95 7.69 11.73
C TYR A 40 -7.13 6.15 11.71
N ALA A 41 -6.00 5.45 11.78
CA ALA A 41 -6.00 4.00 11.71
C ALA A 41 -6.82 3.32 12.81
N LYS A 42 -6.64 3.70 14.08
CA LYS A 42 -7.42 3.14 15.18
C LYS A 42 -8.94 3.28 14.95
N LEU A 43 -9.35 4.49 14.54
CA LEU A 43 -10.75 4.84 14.25
C LEU A 43 -11.36 3.85 13.25
N LEU A 44 -10.55 3.55 12.25
CA LEU A 44 -10.97 2.76 11.10
C LEU A 44 -11.08 1.26 11.41
N VAL A 45 -10.34 0.78 12.40
CA VAL A 45 -10.39 -0.64 12.77
C VAL A 45 -11.11 -0.97 14.09
N THR A 46 -11.50 0.06 14.83
CA THR A 46 -12.47 -0.13 15.90
C THR A 46 -13.82 -0.45 15.23
N ASN A 47 -14.07 0.24 14.11
CA ASN A 47 -15.41 0.30 13.51
C ASN A 47 -15.70 -0.77 12.44
N THR A 48 -14.74 -1.69 12.24
CA THR A 48 -14.98 -3.00 11.63
C THR A 48 -15.17 -4.08 12.72
N GLY A 49 -14.11 -4.33 13.52
CA GLY A 49 -14.15 -5.27 14.66
C GLY A 49 -13.11 -6.40 14.63
N ALA A 50 -12.30 -6.44 13.57
CA ALA A 50 -11.23 -7.45 13.42
C ALA A 50 -9.91 -6.90 13.96
N GLY A 51 -9.87 -5.59 14.18
CA GLY A 51 -8.77 -4.93 14.87
C GLY A 51 -8.92 -5.03 16.38
N ALA A 52 -9.98 -5.69 16.84
CA ALA A 52 -10.06 -6.12 18.22
C ALA A 52 -9.12 -7.33 18.35
N LEU A 53 -9.26 -8.27 17.41
CA LEU A 53 -8.40 -9.45 17.33
C LEU A 53 -6.96 -9.07 16.99
N TRP A 54 -6.79 -8.31 15.91
CA TRP A 54 -5.48 -7.77 15.54
C TRP A 54 -4.91 -6.79 16.58
N GLU A 55 -5.79 -6.04 17.25
CA GLU A 55 -5.32 -5.15 18.32
C GLU A 55 -4.81 -6.00 19.45
N ALA A 56 -5.52 -7.10 19.73
CA ALA A 56 -5.13 -8.05 20.76
C ALA A 56 -3.84 -8.77 20.37
N MET A 57 -3.83 -9.37 19.18
CA MET A 57 -2.70 -10.17 18.70
C MET A 57 -1.61 -9.32 18.04
N ASP A 70 5.93 -18.86 20.88
CA ASP A 70 7.43 -18.89 21.15
C ASP A 70 8.20 -17.70 20.39
N ALA A 71 9.52 -17.76 20.37
CA ALA A 71 10.40 -16.80 19.67
C ALA A 71 9.93 -16.53 18.24
N GLU A 72 9.73 -17.61 17.49
CA GLU A 72 9.31 -17.52 16.10
C GLU A 72 7.95 -16.85 15.98
N ALA A 73 7.04 -17.25 16.86
CA ALA A 73 5.70 -16.68 16.89
C ALA A 73 5.74 -15.19 17.26
N ALA A 74 6.43 -14.86 18.36
CA ALA A 74 6.57 -13.46 18.77
C ALA A 74 7.31 -12.63 17.70
N ALA A 75 8.38 -13.19 17.15
CA ALA A 75 9.09 -12.48 16.07
C ALA A 75 8.18 -12.20 14.87
N MET A 76 7.24 -13.11 14.61
CA MET A 76 6.26 -12.89 13.51
C MET A 76 5.35 -11.68 13.73
N VAL A 77 4.86 -11.50 14.96
CA VAL A 77 3.98 -10.35 15.29
C VAL A 77 4.74 -9.01 15.20
N GLU A 78 5.96 -9.00 15.73
CA GLU A 78 6.82 -7.84 15.64
C GLU A 78 7.15 -7.52 14.16
N HIS A 79 7.40 -8.55 13.35
CA HIS A 79 7.62 -8.36 11.92
C HIS A 79 6.42 -7.76 11.26
N MET A 80 5.20 -8.22 11.56
CA MET A 80 4.00 -7.67 10.91
C MET A 80 3.92 -6.16 11.13
N ARG A 81 4.18 -5.75 12.36
CA ARG A 81 4.09 -4.35 12.74
C ARG A 81 5.20 -3.56 12.05
N SER A 82 6.43 -4.07 12.19
CA SER A 82 7.60 -3.38 11.59
C SER A 82 7.55 -3.29 10.08
N TYR A 83 7.18 -4.40 9.42
CA TYR A 83 7.04 -4.35 7.95
C TYR A 83 6.05 -3.23 7.56
N GLN A 84 4.89 -3.18 8.24
CA GLN A 84 3.89 -2.17 7.86
C GLN A 84 4.38 -0.78 8.14
N ALA A 85 5.08 -0.60 9.25
CA ALA A 85 5.67 0.73 9.58
C ALA A 85 6.68 1.20 8.52
N VAL A 86 7.55 0.29 8.12
CA VAL A 86 8.59 0.58 7.17
C VAL A 86 7.98 0.84 5.79
N ARG A 87 7.02 -0.01 5.42
CA ARG A 87 6.31 0.17 4.13
C ARG A 87 5.58 1.51 4.10
N THR A 88 4.91 1.84 5.19
CA THR A 88 4.14 3.09 5.28
C THR A 88 5.12 4.26 5.16
N ASN A 89 6.24 4.18 5.87
CA ASN A 89 7.25 5.25 5.88
C ASN A 89 7.80 5.42 4.47
N PHE A 90 8.05 4.29 3.81
CA PHE A 90 8.57 4.38 2.43
C PHE A 90 7.62 5.11 1.46
N PHE A 91 6.37 4.72 1.47
CA PHE A 91 5.40 5.34 0.51
C PHE A 91 5.05 6.75 0.91
N ASP A 92 5.00 7.03 2.23
CA ASP A 92 4.83 8.40 2.70
C ASP A 92 5.94 9.31 2.16
N THR A 93 7.20 8.84 2.24
CA THR A 93 8.37 9.58 1.81
C THR A 93 8.27 9.82 0.30
N TYR A 94 7.85 8.78 -0.43
CA TYR A 94 7.63 8.87 -1.89
C TYR A 94 6.65 10.02 -2.22
N PHE A 95 5.49 10.03 -1.57
CA PHE A 95 4.51 11.10 -1.83
C PHE A 95 5.06 12.47 -1.39
N ASN A 96 5.72 12.52 -0.23
CA ASN A 96 6.31 13.79 0.26
C ASN A 96 7.33 14.36 -0.70
N ASN A 97 8.18 13.49 -1.26
CA ASN A 97 9.16 13.91 -2.23
C ASN A 97 8.56 14.33 -3.56
N ALA A 98 7.44 13.70 -3.95
CA ALA A 98 6.68 14.09 -5.14
C ALA A 98 6.15 15.54 -4.98
N VAL A 99 5.56 15.82 -3.81
CA VAL A 99 5.11 17.17 -3.42
C VAL A 99 6.27 18.20 -3.53
N ILE A 100 7.40 17.87 -2.94
CA ILE A 100 8.59 18.73 -3.02
C ILE A 100 8.98 18.99 -4.48
N ASP A 101 8.86 17.96 -5.32
CA ASP A 101 9.22 18.05 -6.73
C ASP A 101 8.18 18.74 -7.63
N GLY A 102 7.09 19.20 -7.01
CA GLY A 102 6.11 20.03 -7.70
C GLY A 102 4.88 19.30 -8.20
N ILE A 103 4.80 17.99 -7.96
CA ILE A 103 3.68 17.22 -8.49
C ILE A 103 2.44 17.58 -7.64
N ARG A 104 1.30 17.71 -8.31
CA ARG A 104 0.08 18.17 -7.64
C ARG A 104 -1.13 17.27 -7.92
N GLN A 105 -0.90 16.14 -8.57
CA GLN A 105 -1.98 15.21 -8.86
C GLN A 105 -1.48 13.84 -8.40
N PHE A 106 -2.25 13.22 -7.51
CA PHE A 106 -1.90 11.96 -6.88
C PHE A 106 -2.98 10.96 -7.07
N VAL A 107 -2.61 9.67 -7.27
CA VAL A 107 -3.63 8.66 -7.38
C VAL A 107 -3.24 7.49 -6.48
N ILE A 108 -4.12 7.17 -5.55
CA ILE A 108 -3.90 6.01 -4.67
C ILE A 108 -4.77 4.87 -5.21
N LEU A 109 -4.12 3.82 -5.72
CA LEU A 109 -4.82 2.68 -6.34
C LEU A 109 -5.19 1.64 -5.27
N ALA A 110 -6.44 1.20 -5.27
CA ALA A 110 -6.91 0.25 -4.21
C ALA A 110 -6.68 0.82 -2.83
N SER A 111 -7.21 2.01 -2.63
CA SER A 111 -6.86 2.85 -1.48
C SER A 111 -7.32 2.27 -0.13
N GLY A 112 -8.31 1.38 -0.14
CA GLY A 112 -8.69 0.68 1.10
C GLY A 112 -8.84 1.63 2.28
N LEU A 113 -8.12 1.32 3.37
CA LEU A 113 -8.19 2.16 4.59
C LEU A 113 -7.02 3.16 4.71
N ASP A 114 -6.29 3.37 3.61
CA ASP A 114 -5.16 4.33 3.58
C ASP A 114 -5.70 5.73 3.96
N SER A 115 -5.07 6.43 4.91
CA SER A 115 -5.57 7.76 5.30
C SER A 115 -4.64 8.88 4.78
N ARG A 116 -3.77 8.56 3.83
CA ARG A 116 -2.84 9.60 3.31
C ARG A 116 -3.54 10.88 2.83
N ALA A 117 -4.72 10.77 2.22
CA ALA A 117 -5.44 12.00 1.72
C ALA A 117 -5.79 12.95 2.88
N TYR A 118 -5.84 12.39 4.09
CA TYR A 118 -6.19 13.12 5.30
C TYR A 118 -4.95 13.55 6.11
N ARG A 119 -3.95 12.68 6.19
CA ARG A 119 -2.90 12.92 7.19
C ARG A 119 -1.64 13.58 6.66
N LEU A 120 -1.34 13.43 5.36
CA LEU A 120 -0.13 14.04 4.79
C LEU A 120 -0.42 15.50 4.55
N ASP A 121 0.66 16.28 4.46
CA ASP A 121 0.53 17.72 4.19
C ASP A 121 0.44 17.97 2.69
N TRP A 122 -0.65 18.54 2.24
CA TRP A 122 -0.81 18.72 0.79
C TRP A 122 -0.87 20.21 0.48
N PRO A 123 -0.06 20.69 -0.50
CA PRO A 123 -0.16 22.14 -0.86
C PRO A 123 -1.53 22.46 -1.42
N THR A 124 -1.96 23.70 -1.31
CA THR A 124 -3.21 24.08 -1.98
C THR A 124 -3.08 23.76 -3.46
N GLY A 125 -4.14 23.28 -4.08
CA GLY A 125 -4.09 23.01 -5.52
C GLY A 125 -3.81 21.55 -5.83
N THR A 126 -3.49 20.79 -4.80
CA THR A 126 -3.31 19.32 -4.89
C THR A 126 -4.67 18.60 -5.03
N THR A 127 -4.71 17.64 -5.95
CA THR A 127 -5.83 16.71 -6.03
C THR A 127 -5.33 15.30 -5.72
N VAL A 128 -6.13 14.56 -4.96
CA VAL A 128 -5.73 13.21 -4.54
C VAL A 128 -6.93 12.34 -4.84
N TYR A 129 -6.74 11.45 -5.83
CA TYR A 129 -7.77 10.49 -6.28
C TYR A 129 -7.58 9.20 -5.56
N GLU A 130 -8.69 8.68 -5.06
CA GLU A 130 -8.66 7.33 -4.49
C GLU A 130 -9.54 6.42 -5.32
N ILE A 131 -8.94 5.33 -5.80
CA ILE A 131 -9.70 4.36 -6.60
C ILE A 131 -9.86 3.05 -5.82
N ASP A 132 -11.10 2.68 -5.61
CA ASP A 132 -11.41 1.38 -4.99
C ASP A 132 -12.87 1.08 -5.17
N GLN A 133 -13.26 -0.14 -4.79
CA GLN A 133 -14.68 -0.50 -4.82
C GLN A 133 -15.57 0.45 -3.98
N PRO A 134 -16.82 0.69 -4.42
CA PRO A 134 -17.60 1.67 -3.66
C PRO A 134 -17.85 1.38 -2.16
N LYS A 135 -18.09 0.13 -1.74
CA LYS A 135 -18.36 -0.16 -0.33
C LYS A 135 -17.18 0.21 0.61
N VAL A 136 -15.95 0.04 0.12
CA VAL A 136 -14.73 0.32 0.86
C VAL A 136 -14.63 1.83 1.09
N LEU A 137 -14.84 2.58 -0.01
CA LEU A 137 -14.77 4.03 0.07
C LEU A 137 -15.86 4.57 0.97
N ALA A 138 -17.06 3.99 0.86
CA ALA A 138 -18.21 4.43 1.68
C ALA A 138 -17.94 4.15 3.17
N TYR A 139 -17.35 2.98 3.47
CA TYR A 139 -16.99 2.66 4.84
C TYR A 139 -16.02 3.69 5.43
N LYS A 140 -14.95 3.99 4.71
CA LYS A 140 -13.91 4.88 5.23
C LYS A 140 -14.45 6.32 5.45
N SER A 141 -15.14 6.86 4.45
CA SER A 141 -15.63 8.24 4.54
C SER A 141 -16.69 8.40 5.63
N THR A 142 -17.61 7.45 5.72
CA THR A 142 -18.66 7.55 6.71
C THR A 142 -18.10 7.35 8.11
N THR A 143 -17.22 6.35 8.27
CA THR A 143 -16.60 6.09 9.57
C THR A 143 -15.84 7.32 10.05
N LEU A 144 -15.13 7.96 9.13
CA LEU A 144 -14.36 9.13 9.49
C LEU A 144 -15.28 10.29 9.86
N ALA A 145 -16.36 10.45 9.10
CA ALA A 145 -17.41 11.47 9.38
C ALA A 145 -17.96 11.34 10.79
N GLU A 146 -18.28 10.10 11.20
CA GLU A 146 -18.87 9.88 12.53
C GLU A 146 -17.92 10.35 13.64
N HIS A 147 -16.64 10.45 13.29
CA HIS A 147 -15.62 10.97 14.21
C HIS A 147 -15.25 12.43 14.00
N GLY A 148 -15.99 13.11 13.12
CA GLY A 148 -15.74 14.51 12.83
C GLY A 148 -14.54 14.77 11.92
N VAL A 149 -14.09 13.74 11.21
CA VAL A 149 -12.92 13.85 10.36
C VAL A 149 -13.31 14.00 8.90
N THR A 150 -12.89 15.11 8.30
CA THR A 150 -13.01 15.30 6.86
C THR A 150 -11.64 15.78 6.38
N PRO A 151 -11.35 15.63 5.07
CA PRO A 151 -10.03 16.04 4.60
C PRO A 151 -9.92 17.56 4.40
N THR A 152 -8.71 18.07 4.49
CA THR A 152 -8.45 19.48 4.18
C THR A 152 -8.14 19.61 2.68
N ALA A 153 -7.45 18.60 2.12
CA ALA A 153 -7.08 18.56 0.70
C ALA A 153 -8.27 18.21 -0.19
N ASP A 154 -8.09 18.41 -1.50
CA ASP A 154 -9.13 18.11 -2.49
C ASP A 154 -9.06 16.63 -2.81
N ARG A 155 -9.79 15.85 -2.02
CA ARG A 155 -9.81 14.40 -2.18
C ARG A 155 -10.96 13.98 -3.08
N ARG A 156 -10.68 13.15 -4.08
CA ARG A 156 -11.70 12.73 -5.02
C ARG A 156 -11.82 11.20 -5.11
N GLU A 157 -13.00 10.69 -4.75
CA GLU A 157 -13.26 9.25 -4.83
C GLU A 157 -13.54 8.80 -6.28
N VAL A 158 -13.01 7.64 -6.66
CA VAL A 158 -13.32 7.03 -7.93
C VAL A 158 -13.78 5.57 -7.69
N PRO A 159 -15.10 5.36 -7.54
CA PRO A 159 -15.62 4.06 -7.14
C PRO A 159 -15.72 3.10 -8.32
N ILE A 160 -14.73 2.22 -8.44
CA ILE A 160 -14.71 1.23 -9.51
C ILE A 160 -13.77 0.08 -9.11
N ASP A 161 -14.00 -1.12 -9.63
CA ASP A 161 -12.95 -2.15 -9.49
C ASP A 161 -11.84 -2.02 -10.58
N LEU A 162 -10.60 -2.09 -10.15
CA LEU A 162 -9.44 -1.94 -11.03
C LEU A 162 -9.25 -3.05 -12.06
N ARG A 163 -9.97 -4.16 -11.92
CA ARG A 163 -9.90 -5.20 -12.95
C ARG A 163 -10.81 -4.88 -14.12
N GLN A 164 -11.66 -3.87 -13.93
CA GLN A 164 -12.59 -3.43 -14.97
C GLN A 164 -12.01 -2.19 -15.67
N ASP A 165 -12.82 -1.55 -16.55
CA ASP A 165 -12.38 -0.35 -17.28
C ASP A 165 -12.37 0.91 -16.39
N TRP A 166 -11.33 1.05 -15.60
CA TRP A 166 -11.25 2.14 -14.64
C TRP A 166 -10.79 3.51 -15.21
N PRO A 167 -9.99 3.53 -16.30
CA PRO A 167 -9.58 4.87 -16.79
C PRO A 167 -10.69 5.89 -17.07
N PRO A 168 -11.83 5.48 -17.73
CA PRO A 168 -12.86 6.52 -17.94
C PRO A 168 -13.42 7.08 -16.61
N ALA A 169 -13.50 6.21 -15.59
CA ALA A 169 -13.98 6.60 -14.28
C ALA A 169 -13.05 7.64 -13.63
N LEU A 170 -11.75 7.43 -13.78
CA LEU A 170 -10.73 8.34 -13.24
C LEU A 170 -10.86 9.69 -13.98
N ARG A 171 -11.00 9.62 -15.30
CA ARG A 171 -11.12 10.83 -16.13
C ARG A 171 -12.38 11.61 -15.76
N SER A 172 -13.51 10.91 -15.61
CA SER A 172 -14.77 11.60 -15.26
C SER A 172 -14.71 12.33 -13.88
N ALA A 173 -13.86 11.84 -12.98
CA ALA A 173 -13.62 12.48 -11.68
C ALA A 173 -12.75 13.76 -11.77
N GLY A 174 -12.19 14.05 -12.94
CA GLY A 174 -11.45 15.32 -13.18
C GLY A 174 -9.97 15.15 -13.46
N PHE A 175 -9.51 13.91 -13.38
CA PHE A 175 -8.08 13.59 -13.64
C PHE A 175 -7.60 14.14 -14.95
N ASP A 176 -6.45 14.82 -14.92
CA ASP A 176 -5.83 15.43 -16.12
C ASP A 176 -4.59 14.64 -16.58
N PRO A 177 -4.74 13.82 -17.62
CA PRO A 177 -3.60 12.97 -18.05
C PRO A 177 -2.41 13.75 -18.55
N SER A 178 -2.61 15.03 -18.89
CA SER A 178 -1.51 15.83 -19.36
C SER A 178 -0.68 16.43 -18.20
N ALA A 179 -1.15 16.31 -16.94
CA ALA A 179 -0.43 16.80 -15.77
C ALA A 179 0.46 15.70 -15.17
N ARG A 180 1.56 16.07 -14.52
CA ARG A 180 2.39 15.04 -13.87
C ARG A 180 1.58 14.40 -12.77
N THR A 181 1.62 13.07 -12.72
CA THR A 181 0.91 12.31 -11.64
C THR A 181 1.88 11.51 -10.79
N ALA A 182 1.66 11.44 -9.48
CA ALA A 182 2.32 10.44 -8.62
C ALA A 182 1.29 9.36 -8.29
N TRP A 183 1.58 8.14 -8.76
CA TRP A 183 0.67 7.03 -8.54
C TRP A 183 1.21 6.17 -7.40
N LEU A 184 0.32 5.56 -6.65
CA LEU A 184 0.75 4.61 -5.58
C LEU A 184 -0.06 3.31 -5.73
N ALA A 185 0.63 2.17 -5.64
CA ALA A 185 -0.04 0.86 -5.69
C ALA A 185 0.58 0.00 -4.59
N GLU A 186 0.06 0.20 -3.38
CA GLU A 186 0.47 -0.49 -2.16
C GLU A 186 -0.45 -1.68 -1.88
N GLY A 187 0.14 -2.80 -1.51
CA GLY A 187 -0.67 -3.97 -1.14
C GLY A 187 -1.73 -4.42 -2.13
N LEU A 188 -1.36 -4.36 -3.41
CA LEU A 188 -2.32 -4.60 -4.47
C LEU A 188 -1.94 -5.76 -5.39
N LEU A 189 -0.73 -5.69 -5.96
CA LEU A 189 -0.37 -6.58 -7.08
C LEU A 189 -0.41 -8.06 -6.73
N MET A 190 -0.08 -8.38 -5.47
CA MET A 190 -0.03 -9.76 -5.00
C MET A 190 -1.45 -10.38 -4.89
N TYR A 191 -2.45 -9.51 -4.92
CA TYR A 191 -3.87 -9.89 -4.89
C TYR A 191 -4.53 -9.79 -6.26
N LEU A 192 -3.73 -9.60 -7.31
CA LEU A 192 -4.25 -9.51 -8.69
C LEU A 192 -3.63 -10.62 -9.51
N PRO A 193 -4.38 -11.26 -10.44
CA PRO A 193 -3.76 -12.27 -11.31
C PRO A 193 -2.61 -11.68 -12.13
N ALA A 194 -1.61 -12.51 -12.47
CA ALA A 194 -0.46 -12.01 -13.24
C ALA A 194 -0.85 -11.22 -14.52
N THR A 195 -1.87 -11.68 -15.28
CA THR A 195 -2.31 -10.92 -16.51
C THR A 195 -2.93 -9.56 -16.19
N ALA A 196 -3.60 -9.48 -15.03
CA ALA A 196 -4.14 -8.20 -14.60
C ALA A 196 -3.06 -7.13 -14.30
N GLN A 197 -1.91 -7.57 -13.81
CA GLN A 197 -0.82 -6.65 -13.49
C GLN A 197 -0.34 -5.90 -14.75
N ASP A 198 -0.13 -6.63 -15.83
CA ASP A 198 0.31 -6.03 -17.11
C ASP A 198 -0.70 -4.99 -17.61
N GLY A 199 -1.97 -5.38 -17.65
CA GLY A 199 -3.04 -4.48 -18.09
C GLY A 199 -3.10 -3.24 -17.22
N LEU A 200 -2.96 -3.39 -15.89
CA LEU A 200 -2.93 -2.27 -14.98
C LEU A 200 -1.84 -1.28 -15.34
N PHE A 201 -0.62 -1.78 -15.50
CA PHE A 201 0.50 -0.88 -15.74
C PHE A 201 0.34 -0.23 -17.12
N THR A 202 -0.23 -0.96 -18.05
CA THR A 202 -0.43 -0.44 -19.44
C THR A 202 -1.36 0.76 -19.37
N GLU A 203 -2.45 0.58 -18.64
CA GLU A 203 -3.39 1.70 -18.47
C GLU A 203 -2.77 2.90 -17.75
N ILE A 204 -2.02 2.63 -16.69
CA ILE A 204 -1.32 3.70 -15.95
C ILE A 204 -0.40 4.48 -16.93
N GLY A 205 0.39 3.75 -17.73
CA GLY A 205 1.32 4.39 -18.73
C GLY A 205 0.51 5.29 -19.67
N GLY A 206 -0.69 4.84 -20.03
CA GLY A 206 -1.51 5.58 -21.02
C GLY A 206 -2.10 6.86 -20.41
N LEU A 207 -2.14 6.93 -19.08
CA LEU A 207 -2.65 8.09 -18.37
C LEU A 207 -1.55 9.01 -17.80
N SER A 208 -0.30 8.68 -18.03
CA SER A 208 0.82 9.31 -17.33
C SER A 208 1.60 10.29 -18.22
N ALA A 209 1.65 11.57 -17.83
CA ALA A 209 2.47 12.59 -18.53
C ALA A 209 3.95 12.33 -18.25
N VAL A 210 4.84 12.85 -19.11
CA VAL A 210 6.28 12.75 -18.83
C VAL A 210 6.53 13.38 -17.47
N GLY A 211 7.40 12.76 -16.68
CA GLY A 211 7.74 13.27 -15.35
C GLY A 211 6.81 12.74 -14.25
N SER A 212 5.78 11.99 -14.64
CA SER A 212 4.96 11.25 -13.67
C SER A 212 5.82 10.25 -12.94
N ARG A 213 5.31 9.75 -11.82
CA ARG A 213 6.03 8.67 -11.14
C ARG A 213 5.06 7.63 -10.60
N ILE A 214 5.59 6.44 -10.33
CA ILE A 214 4.80 5.41 -9.67
C ILE A 214 5.64 4.73 -8.58
N ALA A 215 5.00 4.36 -7.47
CA ALA A 215 5.69 3.48 -6.48
C ALA A 215 4.74 2.32 -6.26
N VAL A 216 5.30 1.11 -6.22
CA VAL A 216 4.48 -0.09 -6.13
C VAL A 216 5.19 -1.10 -5.22
N GLU A 217 4.35 -1.81 -4.49
CA GLU A 217 4.84 -2.96 -3.71
C GLU A 217 4.64 -4.22 -4.57
N THR A 218 5.74 -4.93 -4.86
CA THR A 218 5.64 -6.07 -5.78
C THR A 218 5.16 -7.32 -5.07
N SER A 219 4.75 -8.29 -5.86
CA SER A 219 4.44 -9.60 -5.31
C SER A 219 5.78 -10.37 -5.12
N PRO A 220 6.03 -10.93 -3.92
CA PRO A 220 7.29 -11.68 -3.67
C PRO A 220 7.65 -12.73 -4.72
N LEU A 221 8.94 -12.83 -5.06
CA LEU A 221 9.36 -13.70 -6.17
C LEU A 221 9.03 -15.17 -5.91
N HIS A 222 9.32 -15.64 -4.70
CA HIS A 222 8.92 -16.98 -4.26
C HIS A 222 8.19 -16.87 -2.90
N GLY A 223 6.97 -16.34 -2.95
CA GLY A 223 6.26 -15.97 -1.70
C GLY A 223 4.81 -16.29 -1.37
N ASP A 224 4.35 -17.53 -1.61
CA ASP A 224 3.10 -18.06 -0.99
C ASP A 224 3.35 -18.79 0.36
N GLU A 225 4.41 -19.61 0.41
CA GLU A 225 4.84 -20.33 1.63
C GLU A 225 4.88 -19.46 2.92
N TRP A 226 5.37 -18.22 2.78
CA TRP A 226 5.48 -17.26 3.89
C TRP A 226 4.14 -17.02 4.61
N ARG A 227 3.07 -16.82 3.85
CA ARG A 227 1.75 -16.58 4.43
C ARG A 227 1.24 -17.77 5.28
N GLU A 228 1.71 -18.98 4.97
CA GLU A 228 1.32 -20.21 5.70
C GLU A 228 2.02 -20.37 7.05
N GLN A 229 3.34 -20.20 7.06
CA GLN A 229 4.12 -20.12 8.31
C GLN A 229 3.81 -18.83 9.09
N MET A 230 3.32 -17.80 8.41
CA MET A 230 2.78 -16.60 9.07
C MET A 230 1.37 -16.85 9.59
N GLN A 231 0.55 -17.55 8.81
CA GLN A 231 -0.78 -17.97 9.23
C GLN A 231 -0.68 -18.88 10.45
N LEU A 232 0.19 -19.88 10.37
CA LEU A 232 0.40 -20.85 11.45
C LEU A 232 0.89 -20.18 12.75
N ARG A 233 1.93 -19.35 12.64
CA ARG A 233 2.45 -18.60 13.79
C ARG A 233 1.41 -17.63 14.35
N PHE A 234 0.69 -16.93 13.45
CA PHE A 234 -0.41 -16.04 13.85
C PHE A 234 -1.56 -16.78 14.55
N ARG A 235 -1.87 -17.99 14.10
CA ARG A 235 -2.98 -18.78 14.65
C ARG A 235 -2.68 -19.34 16.06
N ARG A 236 -1.40 -19.39 16.42
CA ARG A 236 -0.98 -19.76 17.78
C ARG A 236 -1.02 -18.56 18.73
N VAL A 237 -0.95 -17.34 18.17
CA VAL A 237 -1.04 -16.11 18.97
C VAL A 237 -2.46 -15.84 19.54
N SER A 238 -3.50 -16.16 18.77
CA SER A 238 -4.88 -16.01 19.22
C SER A 238 -5.24 -17.10 20.24
N ASP A 239 -4.96 -18.35 19.87
CA ASP A 239 -5.16 -19.51 20.73
C ASP A 239 -4.45 -19.43 22.09
N ALA A 240 -3.71 -18.35 22.31
CA ALA A 240 -2.98 -18.12 23.56
N GLU A 251 -3.86 -16.09 1.84
CA GLU A 251 -2.93 -16.76 0.93
C GLU A 251 -2.88 -16.00 -0.39
N LEU A 252 -1.69 -15.95 -1.00
CA LEU A 252 -1.56 -15.45 -2.37
C LEU A 252 -2.06 -16.55 -3.34
N ILE A 253 -3.37 -16.47 -3.67
CA ILE A 253 -4.01 -17.53 -4.47
C ILE A 253 -3.52 -17.36 -5.89
N TYR A 254 -3.10 -16.12 -6.19
CA TYR A 254 -2.60 -15.74 -7.51
C TYR A 254 -1.09 -15.83 -7.67
N HIS A 255 -0.38 -16.39 -6.69
CA HIS A 255 1.08 -16.56 -6.83
C HIS A 255 1.36 -17.31 -8.13
N ASP A 256 2.17 -16.70 -8.99
CA ASP A 256 2.45 -17.18 -10.33
C ASP A 256 3.93 -17.05 -10.66
N GLU A 257 4.53 -18.19 -10.99
CA GLU A 257 5.92 -18.25 -11.42
C GLU A 257 6.20 -17.40 -12.68
N ASN A 258 5.18 -17.24 -13.53
CA ASN A 258 5.29 -16.47 -14.77
C ASN A 258 5.01 -14.98 -14.60
N ARG A 259 4.74 -14.51 -13.38
CA ARG A 259 4.40 -13.11 -13.22
C ARG A 259 5.59 -12.27 -13.68
N ALA A 260 5.33 -11.20 -14.44
CA ALA A 260 6.44 -10.33 -14.88
C ALA A 260 7.13 -9.63 -13.70
N VAL A 261 8.46 -9.58 -13.74
CA VAL A 261 9.19 -8.75 -12.80
C VAL A 261 8.89 -7.26 -13.07
N VAL A 262 8.49 -6.55 -12.03
CA VAL A 262 7.87 -5.20 -12.19
C VAL A 262 8.87 -4.18 -12.75
N ALA A 263 10.06 -4.07 -12.13
CA ALA A 263 11.05 -3.06 -12.55
C ALA A 263 11.42 -3.31 -14.03
N ASP A 264 11.66 -4.59 -14.37
CA ASP A 264 12.00 -5.01 -15.73
C ASP A 264 10.88 -4.61 -16.72
N TRP A 265 9.63 -4.89 -16.34
CA TRP A 265 8.49 -4.59 -17.21
C TRP A 265 8.43 -3.06 -17.41
N LEU A 266 8.50 -2.29 -16.34
CA LEU A 266 8.39 -0.81 -16.47
C LEU A 266 9.51 -0.25 -17.34
N ASN A 267 10.73 -0.76 -17.12
CA ASN A 267 11.92 -0.33 -17.89
C ASN A 267 11.90 -0.59 -19.39
N ARG A 268 10.94 -1.39 -19.87
CA ARG A 268 10.76 -1.62 -21.31
C ARG A 268 9.40 -1.09 -21.84
N HIS A 269 8.66 -0.40 -20.96
CA HIS A 269 7.39 0.19 -21.30
C HIS A 269 7.32 1.70 -21.02
N GLY A 270 8.46 2.37 -21.12
CA GLY A 270 8.45 3.82 -21.07
C GLY A 270 8.76 4.46 -19.74
N TRP A 271 9.27 3.70 -18.78
CA TRP A 271 9.69 4.23 -17.48
C TRP A 271 11.17 4.00 -17.21
N ARG A 272 11.68 4.77 -16.25
CA ARG A 272 12.97 4.47 -15.63
C ARG A 272 12.70 4.01 -14.21
N ALA A 273 12.92 2.72 -13.95
CA ALA A 273 12.41 2.09 -12.72
C ALA A 273 13.57 1.46 -11.94
N THR A 274 13.49 1.56 -10.61
CA THR A 274 14.52 0.89 -9.78
C THR A 274 13.82 0.23 -8.58
N ALA A 275 14.45 -0.79 -7.99
CA ALA A 275 13.83 -1.53 -6.89
C ALA A 275 14.67 -1.44 -5.61
N GLN A 276 13.96 -1.38 -4.49
CA GLN A 276 14.55 -1.47 -3.15
C GLN A 276 13.85 -2.63 -2.48
N SER A 277 14.59 -3.67 -2.09
CA SER A 277 13.94 -4.83 -1.47
C SER A 277 13.39 -4.39 -0.10
N ALA A 278 12.24 -4.96 0.28
CA ALA A 278 11.71 -4.64 1.61
C ALA A 278 12.72 -4.96 2.74
N PRO A 279 13.40 -6.15 2.71
CA PRO A 279 14.40 -6.37 3.80
C PRO A 279 15.52 -5.31 3.82
N ASP A 280 15.97 -4.86 2.63
CA ASP A 280 16.99 -3.81 2.57
C ASP A 280 16.48 -2.50 3.20
N GLU A 281 15.22 -2.21 2.91
CA GLU A 281 14.59 -1.00 3.47
C GLU A 281 14.41 -1.12 5.01
N MET A 282 13.97 -2.28 5.45
CA MET A 282 13.81 -2.51 6.88
C MET A 282 15.18 -2.39 7.58
N ARG A 283 16.22 -2.97 7.00
CA ARG A 283 17.58 -2.85 7.55
C ARG A 283 18.05 -1.40 7.61
N ARG A 284 17.72 -0.62 6.58
CA ARG A 284 18.19 0.76 6.46
C ARG A 284 17.74 1.61 7.65
N VAL A 285 16.53 1.36 8.14
CA VAL A 285 15.98 2.09 9.30
C VAL A 285 16.06 1.31 10.63
N GLY A 286 16.82 0.22 10.65
CA GLY A 286 17.04 -0.52 11.89
C GLY A 286 15.80 -1.24 12.38
N ARG A 287 15.01 -1.77 11.45
CA ARG A 287 13.78 -2.47 11.81
C ARG A 287 13.69 -3.94 11.31
N TRP A 288 14.82 -4.48 10.89
CA TRP A 288 14.82 -5.87 10.39
C TRP A 288 15.06 -6.84 11.54
N GLY A 289 14.15 -7.80 11.72
CA GLY A 289 14.32 -8.87 12.71
C GLY A 289 14.58 -10.14 11.93
N ASP A 290 15.81 -10.64 12.03
CA ASP A 290 16.23 -11.85 11.33
C ASP A 290 15.79 -13.15 12.05
N GLY A 291 14.94 -13.01 13.07
CA GLY A 291 14.46 -14.15 13.88
C GLY A 291 13.21 -14.81 13.34
N VAL A 292 12.52 -14.12 12.43
CA VAL A 292 11.33 -14.63 11.73
C VAL A 292 11.73 -15.70 10.70
N PRO A 293 10.98 -16.83 10.64
CA PRO A 293 11.30 -17.87 9.63
C PRO A 293 11.34 -17.32 8.19
N MET A 294 12.18 -17.93 7.34
CA MET A 294 12.49 -17.49 5.96
C MET A 294 13.16 -16.11 5.85
N ALA A 295 13.82 -15.67 6.93
CA ALA A 295 14.56 -14.40 6.96
C ALA A 295 15.69 -14.33 5.90
N ASP A 296 16.29 -15.47 5.59
CA ASP A 296 17.41 -15.54 4.65
C ASP A 296 16.93 -15.62 3.18
N ASP A 297 15.62 -15.57 2.97
CA ASP A 297 15.04 -15.71 1.65
C ASP A 297 14.41 -14.40 1.24
N LYS A 298 15.21 -13.54 0.58
CA LYS A 298 14.79 -12.21 0.10
C LYS A 298 13.65 -12.33 -0.93
N ASP A 299 13.54 -13.53 -1.50
CA ASP A 299 12.47 -13.91 -2.40
C ASP A 299 11.15 -14.16 -1.69
N ALA A 300 11.14 -14.24 -0.35
CA ALA A 300 9.89 -14.36 0.40
C ALA A 300 9.24 -12.98 0.65
N PHE A 301 9.90 -11.90 0.22
CA PHE A 301 9.45 -10.53 0.53
C PHE A 301 9.27 -9.65 -0.72
N ALA A 302 8.43 -8.64 -0.57
CA ALA A 302 8.14 -7.71 -1.65
C ALA A 302 9.38 -6.85 -1.94
N GLU A 303 9.42 -6.24 -3.13
CA GLU A 303 10.27 -5.12 -3.37
C GLU A 303 9.41 -3.86 -3.49
N PHE A 304 10.03 -2.72 -3.19
CA PHE A 304 9.39 -1.39 -3.35
C PHE A 304 9.99 -0.77 -4.61
N VAL A 305 9.21 -0.69 -5.69
CA VAL A 305 9.74 -0.22 -6.94
C VAL A 305 9.26 1.23 -7.16
N THR A 306 10.17 2.09 -7.57
CA THR A 306 9.82 3.47 -7.90
C THR A 306 10.23 3.73 -9.34
N ALA A 307 9.40 4.42 -10.09
CA ALA A 307 9.65 4.62 -11.53
C ALA A 307 9.21 6.01 -11.96
N HIS A 308 9.95 6.55 -12.94
CA HIS A 308 9.69 7.89 -13.51
C HIS A 308 9.32 7.75 -14.98
N ARG A 309 8.25 8.43 -15.41
CA ARG A 309 7.74 8.31 -16.77
C ARG A 309 8.63 9.11 -17.73
N LEU A 310 9.10 8.44 -18.78
CA LEU A 310 9.94 9.08 -19.80
C LEU A 310 9.08 9.77 -20.87
#